data_1QXW
#
_entry.id   1QXW
#
_cell.length_a   40.993
_cell.length_b   76.843
_cell.length_c   41.935
_cell.angle_alpha   90.00
_cell.angle_beta   104.19
_cell.angle_gamma   90.00
#
_symmetry.space_group_name_H-M   'P 1 21 1'
#
loop_
_entity.id
_entity.type
_entity.pdbx_description
1 polymer 'methionyl aminopeptidase'
2 non-polymer 'COBALT (II) ION'
3 non-polymer 'ACETATE ION'
4 non-polymer (3S)-3-AMINO-1-(CYCLOPROPYLAMINO)HEPTANE-2,2-DIOL
5 water water
#
_entity_poly.entity_id   1
_entity_poly.type   'polypeptide(L)'
_entity_poly.pdbx_seq_one_letter_code
;MIVKTEEELQALKEIGYICAKVRNTMQAATKPGITTKELDNIAKELFEEYGAISAPIHDENFPGQTCISVNEEVAHGIPS
KRVIREGDLVNIDVSALKNGYYADTGISFVVGESDDPMKQKVCDVATMAFENAIAKVKPGTKLSNIGKAVHNTARQNDLK
VIKNLTGHGVGLSLHEAPAHVLNYFDPKDKTLLTEGMVLAIEPFISSNASFVTEGKNEWAFETSDKSFVAQIEHTVIVTK
DGPILTTKIEEE
;
_entity_poly.pdbx_strand_id   A
#
loop_
_chem_comp.id
_chem_comp.type
_chem_comp.name
_chem_comp.formula
ACT non-polymer 'ACETATE ION' 'C2 H3 O2 -1'
CO non-polymer 'COBALT (II) ION' 'Co 2'
M1C non-polymer (3S)-3-AMINO-1-(CYCLOPROPYLAMINO)HEPTANE-2,2-DIOL 'C10 H22 N2 O2'
#
# COMPACT_ATOMS: atom_id res chain seq x y z
N MET A 1 -3.95 10.74 -11.73
CA MET A 1 -3.91 11.99 -12.54
C MET A 1 -2.64 12.06 -13.36
N ILE A 2 -2.63 12.97 -14.33
CA ILE A 2 -1.41 13.28 -15.07
C ILE A 2 -0.86 14.61 -14.54
N VAL A 3 0.39 14.60 -14.08
CA VAL A 3 1.03 15.82 -13.59
C VAL A 3 1.39 16.69 -14.78
N LYS A 4 1.01 17.96 -14.69
CA LYS A 4 1.26 18.91 -15.76
C LYS A 4 1.99 20.17 -15.28
N THR A 5 2.01 20.42 -13.97
CA THR A 5 2.69 21.62 -13.46
C THR A 5 3.58 21.31 -12.28
N GLU A 6 4.59 22.14 -12.11
CA GLU A 6 5.51 22.01 -11.00
C GLU A 6 4.76 22.20 -9.68
N GLU A 7 3.69 22.99 -9.71
CA GLU A 7 2.88 23.21 -8.52
C GLU A 7 2.15 21.91 -8.14
N GLU A 8 1.70 21.15 -9.13
CA GLU A 8 1.07 19.86 -8.87
C GLU A 8 2.10 18.90 -8.30
N LEU A 9 3.28 18.90 -8.89
CA LEU A 9 4.37 18.03 -8.45
C LEU A 9 4.72 18.30 -7.00
N GLN A 10 4.80 19.58 -6.66
CA GLN A 10 5.15 19.95 -5.29
C GLN A 10 4.07 19.51 -4.32
N ALA A 11 2.82 19.68 -4.72
CA ALA A 11 1.69 19.31 -3.87
C ALA A 11 1.70 17.82 -3.64
N LEU A 12 2.05 17.06 -4.65
CA LEU A 12 2.07 15.61 -4.52
C LEU A 12 3.23 15.18 -3.63
N LYS A 13 4.37 15.85 -3.76
CA LYS A 13 5.52 15.57 -2.92
C LYS A 13 5.21 15.89 -1.45
N GLU A 14 4.47 16.97 -1.24
CA GLU A 14 4.15 17.38 0.13
C GLU A 14 3.30 16.32 0.84
N ILE A 15 2.22 15.89 0.20
CA ILE A 15 1.33 14.93 0.85
C ILE A 15 1.99 13.56 0.93
N GLY A 16 2.86 13.25 -0.02
CA GLY A 16 3.60 12.01 0.02
C GLY A 16 4.53 11.97 1.21
N TYR A 17 5.22 13.07 1.46
CA TYR A 17 6.11 13.13 2.60
C TYR A 17 5.33 12.93 3.91
N ILE A 18 4.20 13.61 4.02
CA ILE A 18 3.38 13.51 5.21
C ILE A 18 2.94 12.07 5.44
N CYS A 19 2.46 11.42 4.39
CA CYS A 19 2.01 10.03 4.55
C CYS A 19 3.18 9.11 4.93
N ALA A 20 4.35 9.34 4.35
CA ALA A 20 5.52 8.54 4.68
C ALA A 20 5.95 8.75 6.15
N LYS A 21 5.90 10.00 6.60
CA LYS A 21 6.24 10.33 7.98
C LYS A 21 5.29 9.63 8.95
N VAL A 22 4.01 9.65 8.63
CA VAL A 22 3.00 9.01 9.45
C VAL A 22 3.22 7.51 9.46
N ARG A 23 3.43 6.93 8.28
CA ARG A 23 3.67 5.50 8.15
C ARG A 23 4.89 5.07 8.99
N ASN A 24 5.99 5.81 8.85
CA ASN A 24 7.20 5.50 9.60
C ASN A 24 7.00 5.60 11.12
N THR A 25 6.34 6.66 11.53
CA THR A 25 6.09 6.90 12.96
C THR A 25 5.23 5.80 13.55
N MET A 26 4.17 5.43 12.84
CA MET A 26 3.30 4.35 13.28
C MET A 26 4.07 3.03 13.36
N GLN A 27 4.83 2.72 12.33
CA GLN A 27 5.58 1.48 12.33
C GLN A 27 6.53 1.43 13.52
N ALA A 28 7.21 2.53 13.80
CA ALA A 28 8.16 2.54 14.89
C ALA A 28 7.48 2.31 16.24
N ALA A 29 6.23 2.72 16.36
CA ALA A 29 5.48 2.60 17.61
C ALA A 29 4.76 1.26 17.73
N THR A 30 4.85 0.41 16.71
CA THR A 30 4.16 -0.86 16.72
C THR A 30 4.97 -1.89 17.48
N LYS A 31 4.52 -2.17 18.70
CA LYS A 31 5.19 -3.08 19.61
C LYS A 31 4.14 -3.83 20.40
N PRO A 32 4.51 -4.96 20.98
CA PRO A 32 3.55 -5.71 21.80
C PRO A 32 2.98 -4.78 22.89
N GLY A 33 1.66 -4.79 23.07
CA GLY A 33 1.05 -3.99 24.12
C GLY A 33 0.35 -2.73 23.67
N ILE A 34 0.66 -2.25 22.46
CA ILE A 34 -0.05 -1.10 21.91
C ILE A 34 -1.24 -1.64 21.14
N THR A 35 -2.35 -0.89 21.15
CA THR A 35 -3.51 -1.29 20.38
C THR A 35 -3.49 -0.61 19.02
N THR A 36 -4.25 -1.15 18.08
CA THR A 36 -4.28 -0.56 16.76
C THR A 36 -4.95 0.80 16.81
N LYS A 37 -5.90 1.00 17.73
CA LYS A 37 -6.51 2.33 17.83
C LYS A 37 -5.46 3.33 18.31
N GLU A 38 -4.63 2.91 19.27
CA GLU A 38 -3.57 3.78 19.77
C GLU A 38 -2.62 4.17 18.64
N LEU A 39 -2.31 3.20 17.77
CA LEU A 39 -1.49 3.47 16.60
C LEU A 39 -2.19 4.46 15.66
N ASP A 40 -3.50 4.31 15.51
CA ASP A 40 -4.28 5.19 14.65
C ASP A 40 -4.29 6.61 15.19
N ASN A 41 -4.30 6.74 16.53
CA ASN A 41 -4.29 8.07 17.14
C ASN A 41 -3.03 8.86 16.77
N ILE A 42 -1.90 8.16 16.54
CA ILE A 42 -0.68 8.83 16.11
C ILE A 42 -0.93 9.54 14.78
N ALA A 43 -1.58 8.85 13.84
CA ALA A 43 -1.88 9.44 12.55
C ALA A 43 -2.80 10.64 12.70
N LYS A 44 -3.79 10.54 13.58
CA LYS A 44 -4.70 11.65 13.81
C LYS A 44 -3.90 12.90 14.17
N GLU A 45 -3.00 12.76 15.13
CA GLU A 45 -2.23 13.91 15.58
C GLU A 45 -1.25 14.45 14.53
N LEU A 46 -0.59 13.57 13.79
CA LEU A 46 0.34 14.04 12.77
C LEU A 46 -0.41 14.67 11.59
N PHE A 47 -1.53 14.08 11.19
CA PHE A 47 -2.30 14.67 10.09
C PHE A 47 -2.65 16.10 10.49
N GLU A 48 -3.06 16.30 11.74
CA GLU A 48 -3.38 17.63 12.23
C GLU A 48 -2.17 18.55 12.18
N GLU A 49 -1.04 18.05 12.64
CA GLU A 49 0.20 18.83 12.66
C GLU A 49 0.61 19.31 11.26
N TYR A 50 0.48 18.42 10.28
CA TYR A 50 0.88 18.72 8.90
C TYR A 50 -0.21 19.30 7.99
N GLY A 51 -1.39 19.56 8.54
CA GLY A 51 -2.47 20.11 7.76
C GLY A 51 -3.04 19.19 6.69
N ALA A 52 -3.01 17.89 6.95
CA ALA A 52 -3.55 16.91 6.01
C ALA A 52 -4.80 16.27 6.60
N ILE A 53 -5.56 15.58 5.75
CA ILE A 53 -6.78 14.90 6.14
C ILE A 53 -6.78 13.44 5.68
N SER A 54 -7.21 12.54 6.56
CA SER A 54 -7.31 11.13 6.26
C SER A 54 -8.11 10.90 5.00
N ALA A 55 -7.54 10.18 4.04
CA ALA A 55 -8.28 9.84 2.83
C ALA A 55 -9.40 8.82 3.12
N PRO A 56 -9.12 7.75 3.88
CA PRO A 56 -10.17 6.79 4.25
C PRO A 56 -11.41 7.48 4.83
N ILE A 57 -11.23 8.41 5.76
CA ILE A 57 -12.38 9.11 6.32
C ILE A 57 -13.05 10.00 5.28
N HIS A 58 -12.24 10.84 4.64
CA HIS A 58 -12.77 11.77 3.64
C HIS A 58 -13.43 11.11 2.43
N ASP A 59 -12.74 10.17 1.79
CA ASP A 59 -13.25 9.54 0.57
C ASP A 59 -14.25 8.41 0.81
N GLU A 60 -14.05 7.61 1.85
CA GLU A 60 -14.85 6.41 2.03
C GLU A 60 -15.66 6.33 3.31
N ASN A 61 -15.57 7.35 4.17
CA ASN A 61 -16.21 7.33 5.47
C ASN A 61 -15.78 6.11 6.27
N PHE A 62 -14.50 5.75 6.13
CA PHE A 62 -13.90 4.64 6.86
C PHE A 62 -13.80 5.03 8.32
N PRO A 63 -14.13 4.12 9.23
CA PRO A 63 -14.04 4.42 10.66
C PRO A 63 -12.63 4.31 11.22
N GLY A 64 -11.75 5.18 10.76
CA GLY A 64 -10.38 5.19 11.23
C GLY A 64 -9.55 6.11 10.38
N GLN A 65 -8.49 6.70 10.95
CA GLN A 65 -7.62 7.58 10.19
C GLN A 65 -6.90 6.76 9.11
N THR A 66 -6.44 5.58 9.49
CA THR A 66 -5.70 4.70 8.61
C THR A 66 -6.28 3.31 8.65
N CYS A 67 -5.78 2.45 7.76
CA CYS A 67 -6.14 1.04 7.75
C CYS A 67 -5.01 0.25 8.38
N ILE A 68 -5.31 -0.49 9.44
CA ILE A 68 -4.30 -1.32 10.10
C ILE A 68 -4.83 -2.74 10.10
N SER A 69 -4.11 -3.61 9.39
CA SER A 69 -4.56 -4.98 9.19
C SER A 69 -3.59 -5.97 9.84
N VAL A 70 -4.09 -6.86 10.69
CA VAL A 70 -3.20 -7.77 11.42
C VAL A 70 -3.50 -9.24 11.17
N ASN A 71 -2.44 -10.00 10.93
CA ASN A 71 -2.48 -11.46 10.77
C ASN A 71 -3.47 -12.01 9.74
N GLU A 72 -4.67 -12.38 10.17
CA GLU A 72 -5.66 -12.90 9.24
C GLU A 72 -6.14 -11.80 8.30
N GLU A 73 -5.99 -10.55 8.73
CA GLU A 73 -6.41 -9.41 7.92
C GLU A 73 -5.31 -8.98 6.97
N VAL A 74 -5.67 -8.76 5.71
CA VAL A 74 -4.75 -8.39 4.64
C VAL A 74 -4.84 -6.90 4.31
N ALA A 75 -6.05 -6.37 4.39
CA ALA A 75 -6.28 -4.97 4.04
C ALA A 75 -7.53 -4.43 4.70
N HIS A 76 -7.55 -3.09 4.82
CA HIS A 76 -8.69 -2.35 5.33
C HIS A 76 -9.11 -2.71 6.77
N GLY A 77 -8.16 -3.13 7.60
CA GLY A 77 -8.46 -3.42 8.99
C GLY A 77 -8.86 -2.15 9.72
N ILE A 78 -9.84 -2.27 10.62
CA ILE A 78 -10.33 -1.12 11.39
C ILE A 78 -9.57 -1.00 12.71
N PRO A 79 -8.88 0.13 12.93
CA PRO A 79 -8.20 0.34 14.21
C PRO A 79 -9.18 0.19 15.37
N SER A 80 -8.75 -0.52 16.41
CA SER A 80 -9.64 -0.91 17.50
C SER A 80 -8.88 -1.23 18.78
N LYS A 81 -9.56 -1.84 19.75
CA LYS A 81 -8.90 -2.23 20.99
C LYS A 81 -8.02 -3.47 20.83
N ARG A 82 -7.96 -4.04 19.63
CA ARG A 82 -7.07 -5.15 19.37
C ARG A 82 -5.65 -4.78 19.75
N VAL A 83 -5.03 -5.60 20.60
CA VAL A 83 -3.67 -5.36 21.06
C VAL A 83 -2.65 -6.10 20.20
N ILE A 84 -1.56 -5.41 19.87
CA ILE A 84 -0.48 -6.02 19.13
C ILE A 84 0.24 -7.00 20.03
N ARG A 85 0.59 -8.15 19.46
CA ARG A 85 1.33 -9.19 20.18
C ARG A 85 2.62 -9.55 19.44
N GLU A 86 3.57 -10.12 20.17
CA GLU A 86 4.82 -10.58 19.59
C GLU A 86 4.53 -11.52 18.44
N GLY A 87 5.19 -11.30 17.31
CA GLY A 87 5.03 -12.14 16.15
C GLY A 87 3.94 -11.73 15.17
N ASP A 88 3.17 -10.70 15.51
CA ASP A 88 2.11 -10.26 14.59
C ASP A 88 2.66 -9.77 13.25
N LEU A 89 1.93 -10.11 12.20
CA LEU A 89 2.20 -9.62 10.86
C LEU A 89 1.25 -8.45 10.67
N VAL A 90 1.80 -7.24 10.59
CA VAL A 90 0.98 -6.04 10.54
C VAL A 90 1.19 -5.23 9.27
N ASN A 91 0.07 -4.81 8.65
CA ASN A 91 0.10 -3.89 7.53
C ASN A 91 -0.53 -2.58 7.96
N ILE A 92 0.22 -1.50 7.76
CA ILE A 92 -0.27 -0.16 7.99
C ILE A 92 -0.35 0.56 6.65
N ASP A 93 -1.55 1.02 6.28
CA ASP A 93 -1.78 1.68 5.00
C ASP A 93 -2.28 3.09 5.30
N VAL A 94 -1.46 4.07 4.93
CA VAL A 94 -1.74 5.48 5.19
C VAL A 94 -2.01 6.23 3.89
N SER A 95 -3.17 6.87 3.80
CA SER A 95 -3.51 7.66 2.61
C SER A 95 -4.16 8.95 3.12
N ALA A 96 -3.87 10.06 2.45
CA ALA A 96 -4.37 11.34 2.89
C ALA A 96 -4.34 12.35 1.77
N LEU A 97 -4.98 13.49 2.03
CA LEU A 97 -4.99 14.57 1.06
C LEU A 97 -4.68 15.87 1.74
N LYS A 98 -4.07 16.77 0.98
CA LYS A 98 -3.76 18.10 1.43
C LYS A 98 -3.78 19.03 0.21
N ASN A 99 -4.53 20.12 0.33
CA ASN A 99 -4.68 21.05 -0.78
C ASN A 99 -5.15 20.36 -2.07
N GLY A 100 -5.99 19.36 -1.93
CA GLY A 100 -6.59 18.67 -3.05
C GLY A 100 -5.78 17.53 -3.66
N TYR A 101 -4.58 17.30 -3.14
CA TYR A 101 -3.72 16.25 -3.69
C TYR A 101 -3.52 15.12 -2.70
N TYR A 102 -3.37 13.92 -3.24
CA TYR A 102 -3.31 12.71 -2.43
C TYR A 102 -2.00 11.94 -2.49
N ALA A 103 -1.79 11.15 -1.44
CA ALA A 103 -0.74 10.15 -1.40
C ALA A 103 -1.32 8.89 -0.74
N ASP A 104 -0.69 7.76 -1.00
CA ASP A 104 -1.19 6.47 -0.58
C ASP A 104 0.03 5.57 -0.45
N THR A 105 0.27 5.04 0.74
CA THR A 105 1.44 4.22 0.98
C THR A 105 1.18 3.20 2.09
N GLY A 106 1.91 2.11 2.06
CA GLY A 106 1.67 1.05 3.01
C GLY A 106 2.85 0.15 3.19
N ILE A 107 2.91 -0.51 4.35
CA ILE A 107 4.00 -1.41 4.66
C ILE A 107 3.55 -2.51 5.60
N SER A 108 4.01 -3.72 5.30
CA SER A 108 3.78 -4.87 6.13
C SER A 108 5.10 -5.23 6.80
N PHE A 109 5.04 -5.61 8.07
CA PHE A 109 6.24 -5.94 8.83
C PHE A 109 5.85 -6.88 9.96
N VAL A 110 6.86 -7.52 10.53
CA VAL A 110 6.65 -8.43 11.65
C VAL A 110 7.05 -7.76 12.96
N VAL A 111 6.22 -7.93 13.97
CA VAL A 111 6.49 -7.37 15.29
C VAL A 111 7.39 -8.36 16.03
N GLY A 112 8.61 -7.95 16.32
CA GLY A 112 9.52 -8.81 17.03
C GLY A 112 9.76 -10.09 16.25
N GLU A 113 9.62 -11.23 16.92
CA GLU A 113 9.82 -12.52 16.27
C GLU A 113 8.58 -13.40 16.29
N SER A 114 8.33 -14.06 15.17
CA SER A 114 7.27 -15.04 15.03
C SER A 114 7.92 -16.40 15.04
N ASP A 115 7.17 -17.45 15.37
CA ASP A 115 7.75 -18.79 15.34
C ASP A 115 7.81 -19.31 13.89
N ASP A 116 7.16 -18.59 12.98
CA ASP A 116 7.12 -18.99 11.58
C ASP A 116 7.81 -17.95 10.69
N PRO A 117 8.95 -18.32 10.10
CA PRO A 117 9.71 -17.39 9.24
C PRO A 117 8.96 -16.94 7.99
N MET A 118 7.84 -17.59 7.68
CA MET A 118 7.03 -17.23 6.52
C MET A 118 6.48 -15.81 6.63
N LYS A 119 6.22 -15.34 7.84
CA LYS A 119 5.67 -14.00 7.97
C LYS A 119 6.66 -12.97 7.44
N GLN A 120 7.92 -13.08 7.85
CA GLN A 120 8.95 -12.18 7.34
C GLN A 120 9.18 -12.43 5.85
N LYS A 121 9.10 -13.69 5.43
CA LYS A 121 9.33 -14.02 4.01
C LYS A 121 8.39 -13.26 3.09
N VAL A 122 7.10 -13.24 3.40
CA VAL A 122 6.17 -12.52 2.52
C VAL A 122 6.49 -11.04 2.51
N CYS A 123 6.96 -10.52 3.64
CA CYS A 123 7.37 -9.11 3.67
C CYS A 123 8.59 -8.89 2.78
N ASP A 124 9.57 -9.78 2.88
CA ASP A 124 10.77 -9.63 2.07
C ASP A 124 10.46 -9.67 0.59
N VAL A 125 9.59 -10.60 0.21
CA VAL A 125 9.25 -10.79 -1.20
C VAL A 125 8.34 -9.68 -1.74
N ALA A 126 7.44 -9.15 -0.91
CA ALA A 126 6.61 -8.02 -1.32
C ALA A 126 7.48 -6.81 -1.60
N THR A 127 8.53 -6.64 -0.79
CA THR A 127 9.45 -5.55 -0.99
C THR A 127 10.19 -5.72 -2.30
N MET A 128 10.68 -6.94 -2.54
CA MET A 128 11.34 -7.24 -3.81
C MET A 128 10.39 -7.09 -4.99
N ALA A 129 9.12 -7.50 -4.83
CA ALA A 129 8.14 -7.36 -5.90
C ALA A 129 7.97 -5.89 -6.27
N PHE A 130 7.88 -5.03 -5.27
CA PHE A 130 7.73 -3.60 -5.53
C PHE A 130 8.95 -3.07 -6.27
N GLU A 131 10.15 -3.43 -5.80
CA GLU A 131 11.39 -2.98 -6.42
C GLU A 131 11.42 -3.41 -7.88
N ASN A 132 11.06 -4.65 -8.13
CA ASN A 132 11.09 -5.20 -9.49
C ASN A 132 10.04 -4.55 -10.38
N ALA A 133 8.91 -4.19 -9.80
CA ALA A 133 7.85 -3.53 -10.54
C ALA A 133 8.26 -2.14 -10.99
N ILE A 134 8.82 -1.34 -10.09
CA ILE A 134 9.19 0.04 -10.42
C ILE A 134 10.39 0.13 -11.35
N ALA A 135 11.21 -0.92 -11.42
CA ALA A 135 12.31 -0.92 -12.35
C ALA A 135 11.76 -0.86 -13.78
N LYS A 136 10.50 -1.25 -13.96
CA LYS A 136 9.87 -1.30 -15.28
C LYS A 136 9.17 0.00 -15.67
N VAL A 137 9.00 0.91 -14.72
CA VAL A 137 8.17 2.11 -14.90
C VAL A 137 8.84 3.28 -15.62
N LYS A 138 8.36 3.56 -16.84
CA LYS A 138 8.85 4.67 -17.67
C LYS A 138 7.78 5.04 -18.71
N PRO A 139 7.79 6.25 -19.26
CA PRO A 139 6.79 6.60 -20.26
C PRO A 139 6.84 5.62 -21.41
N GLY A 140 5.67 5.19 -21.88
CA GLY A 140 5.60 4.27 -23.00
C GLY A 140 5.58 2.80 -22.64
N THR A 141 5.85 2.47 -21.38
CA THR A 141 5.87 1.06 -21.00
C THR A 141 4.48 0.55 -20.71
N LYS A 142 4.30 -0.75 -20.86
CA LYS A 142 3.02 -1.38 -20.61
C LYS A 142 2.74 -1.48 -19.11
N LEU A 143 1.53 -1.11 -18.74
CA LEU A 143 1.08 -1.22 -17.34
C LEU A 143 1.18 -2.66 -16.86
N SER A 144 0.92 -3.60 -17.77
CA SER A 144 0.96 -5.02 -17.45
C SER A 144 2.36 -5.50 -17.06
N ASN A 145 3.39 -4.74 -17.41
CA ASN A 145 4.76 -5.12 -17.03
C ASN A 145 4.95 -5.02 -15.52
N ILE A 146 4.06 -4.31 -14.85
CA ILE A 146 4.10 -4.23 -13.39
C ILE A 146 3.64 -5.57 -12.80
N GLY A 147 2.43 -6.00 -13.17
CA GLY A 147 1.92 -7.27 -12.71
C GLY A 147 2.81 -8.43 -13.10
N LYS A 148 3.37 -8.37 -14.30
CA LYS A 148 4.25 -9.42 -14.76
C LYS A 148 5.43 -9.56 -13.79
N ALA A 149 6.01 -8.42 -13.40
CA ALA A 149 7.15 -8.41 -12.49
C ALA A 149 6.78 -8.92 -11.11
N VAL A 150 5.63 -8.47 -10.61
CA VAL A 150 5.17 -8.88 -9.29
C VAL A 150 4.97 -10.38 -9.24
N HIS A 151 4.26 -10.94 -10.21
CA HIS A 151 4.00 -12.38 -10.19
C HIS A 151 5.26 -13.21 -10.40
N ASN A 152 6.15 -12.74 -11.25
CA ASN A 152 7.39 -13.45 -11.50
C ASN A 152 8.20 -13.51 -10.21
N THR A 153 8.22 -12.40 -9.49
CA THR A 153 8.93 -12.31 -8.23
C THR A 153 8.35 -13.31 -7.23
N ALA A 154 7.03 -13.37 -7.19
CA ALA A 154 6.35 -14.30 -6.30
C ALA A 154 6.74 -15.74 -6.64
N ARG A 155 6.66 -16.10 -7.91
CA ARG A 155 7.00 -17.46 -8.37
C ARG A 155 8.45 -17.81 -8.05
N GLN A 156 9.35 -16.84 -8.19
CA GLN A 156 10.76 -17.10 -7.91
C GLN A 156 10.99 -17.52 -6.47
N ASN A 157 10.04 -17.19 -5.61
CA ASN A 157 10.17 -17.45 -4.19
C ASN A 157 9.11 -18.39 -3.64
N ASP A 158 8.53 -19.18 -4.53
CA ASP A 158 7.54 -20.18 -4.14
C ASP A 158 6.34 -19.59 -3.41
N LEU A 159 5.94 -18.39 -3.81
CA LEU A 159 4.83 -17.69 -3.19
C LEU A 159 3.78 -17.34 -4.23
N LYS A 160 2.65 -16.81 -3.77
CA LYS A 160 1.52 -16.44 -4.63
C LYS A 160 1.22 -14.95 -4.51
N VAL A 161 0.34 -14.47 -5.40
CA VAL A 161 -0.13 -13.09 -5.32
C VAL A 161 -1.62 -13.12 -5.03
N ILE A 162 -2.11 -12.02 -4.49
CA ILE A 162 -3.54 -11.85 -4.29
C ILE A 162 -4.05 -11.26 -5.59
N LYS A 163 -4.79 -12.05 -6.35
CA LYS A 163 -5.23 -11.63 -7.68
C LYS A 163 -6.35 -10.61 -7.68
N ASN A 164 -7.17 -10.59 -6.63
CA ASN A 164 -8.34 -9.72 -6.62
C ASN A 164 -8.18 -8.43 -5.82
N LEU A 165 -6.93 -8.06 -5.52
CA LEU A 165 -6.59 -6.77 -4.95
C LEU A 165 -5.61 -6.14 -5.91
N THR A 166 -5.74 -4.84 -6.12
CA THR A 166 -4.92 -4.16 -7.12
C THR A 166 -4.49 -2.79 -6.69
N GLY A 167 -3.55 -2.25 -7.48
CA GLY A 167 -3.12 -0.88 -7.41
C GLY A 167 -4.11 -0.04 -8.20
N HIS A 168 -3.78 1.23 -8.38
CA HIS A 168 -4.73 2.15 -8.98
C HIS A 168 -4.08 3.49 -9.18
N GLY A 169 -4.58 4.25 -10.15
CA GLY A 169 -4.17 5.62 -10.30
C GLY A 169 -4.55 6.39 -9.03
N VAL A 170 -3.81 7.45 -8.76
CA VAL A 170 -4.06 8.23 -7.56
C VAL A 170 -3.56 9.65 -7.79
N GLY A 171 -4.01 10.60 -6.99
CA GLY A 171 -3.50 11.96 -7.10
C GLY A 171 -4.52 13.03 -6.76
N LEU A 172 -5.64 13.00 -7.44
CA LEU A 172 -6.73 13.93 -7.15
C LEU A 172 -7.82 13.21 -6.37
N SER A 173 -7.61 11.93 -6.15
CA SER A 173 -8.54 11.08 -5.41
C SER A 173 -7.79 9.81 -5.07
N LEU A 174 -8.44 8.94 -4.31
CA LEU A 174 -7.82 7.66 -3.95
C LEU A 174 -7.94 6.64 -5.07
N HIS A 175 -8.81 6.89 -6.04
CA HIS A 175 -8.96 5.97 -7.14
C HIS A 175 -9.32 6.67 -8.46
N GLU A 176 -8.40 6.60 -9.41
CA GLU A 176 -8.57 7.18 -10.73
C GLU A 176 -7.78 6.32 -11.73
N ALA A 177 -7.84 6.66 -13.02
CA ALA A 177 -7.20 5.80 -14.02
C ALA A 177 -5.67 5.75 -13.83
N PRO A 178 -5.05 4.60 -14.05
CA PRO A 178 -5.71 3.35 -14.45
C PRO A 178 -6.49 2.71 -13.31
N ALA A 179 -7.65 2.16 -13.64
CA ALA A 179 -8.53 1.59 -12.63
C ALA A 179 -7.85 0.51 -11.81
N HIS A 180 -7.05 -0.32 -12.48
CA HIS A 180 -6.44 -1.46 -11.81
C HIS A 180 -5.01 -1.74 -12.22
N VAL A 181 -4.15 -1.81 -11.21
CA VAL A 181 -2.77 -2.21 -11.41
C VAL A 181 -2.67 -3.64 -10.85
N LEU A 182 -2.70 -4.63 -11.74
CA LEU A 182 -2.77 -6.03 -11.32
C LEU A 182 -1.46 -6.54 -10.76
N ASN A 183 -1.56 -7.63 -10.00
CA ASN A 183 -0.40 -8.32 -9.45
C ASN A 183 0.03 -9.48 -10.34
N TYR A 184 -0.49 -9.51 -11.55
CA TYR A 184 -0.15 -10.56 -12.50
C TYR A 184 -0.32 -10.00 -13.90
N PHE A 185 0.15 -10.77 -14.87
CA PHE A 185 0.18 -10.39 -16.27
C PHE A 185 -1.10 -10.69 -17.04
N ASP A 186 -1.71 -9.65 -17.61
CA ASP A 186 -2.85 -9.79 -18.50
C ASP A 186 -2.37 -9.46 -19.90
N PRO A 187 -2.29 -10.47 -20.77
CA PRO A 187 -1.69 -10.29 -22.10
C PRO A 187 -2.52 -9.44 -23.06
N LYS A 188 -3.76 -9.15 -22.70
CA LYS A 188 -4.65 -8.37 -23.56
C LYS A 188 -4.61 -6.89 -23.26
N ASP A 189 -3.94 -6.51 -22.17
CA ASP A 189 -3.86 -5.10 -21.80
C ASP A 189 -2.82 -4.35 -22.62
N LYS A 190 -3.27 -3.30 -23.31
CA LYS A 190 -2.40 -2.45 -24.11
C LYS A 190 -2.17 -1.10 -23.42
N THR A 191 -2.78 -0.93 -22.25
CA THR A 191 -2.64 0.32 -21.51
C THR A 191 -1.17 0.64 -21.25
N LEU A 192 -0.76 1.87 -21.55
CA LEU A 192 0.62 2.28 -21.36
C LEU A 192 0.73 3.33 -20.26
N LEU A 193 1.91 3.41 -19.66
CA LEU A 193 2.22 4.48 -18.73
C LEU A 193 2.64 5.69 -19.55
N THR A 194 2.35 6.89 -19.06
CA THR A 194 2.72 8.10 -19.76
C THR A 194 3.38 9.09 -18.82
N GLU A 195 4.08 10.07 -19.39
CA GLU A 195 4.78 11.08 -18.62
C GLU A 195 3.81 11.83 -17.70
N GLY A 196 4.12 11.84 -16.41
CA GLY A 196 3.32 12.53 -15.42
C GLY A 196 2.24 11.68 -14.77
N MET A 197 2.08 10.43 -15.22
CA MET A 197 1.06 9.56 -14.67
C MET A 197 1.40 9.24 -13.21
N VAL A 198 0.41 9.33 -12.33
CA VAL A 198 0.61 9.05 -10.91
C VAL A 198 -0.12 7.75 -10.53
N LEU A 199 0.63 6.78 -10.02
CA LEU A 199 0.07 5.48 -9.65
C LEU A 199 0.37 5.08 -8.22
N ALA A 200 -0.55 4.33 -7.64
CA ALA A 200 -0.31 3.63 -6.38
C ALA A 200 -0.05 2.18 -6.76
N ILE A 201 1.17 1.73 -6.51
CA ILE A 201 1.61 0.37 -6.78
C ILE A 201 1.71 -0.33 -5.43
N GLU A 202 0.90 -1.36 -5.25
CA GLU A 202 0.78 -2.06 -3.98
C GLU A 202 0.70 -3.57 -4.13
N PRO A 203 1.82 -4.21 -4.47
CA PRO A 203 1.87 -5.67 -4.57
C PRO A 203 1.47 -6.34 -3.26
N PHE A 204 0.69 -7.41 -3.40
CA PHE A 204 0.28 -8.27 -2.29
C PHE A 204 0.86 -9.65 -2.56
N ILE A 205 1.72 -10.12 -1.65
CA ILE A 205 2.38 -11.42 -1.76
C ILE A 205 1.85 -12.33 -0.66
N SER A 206 1.38 -13.52 -1.05
CA SER A 206 0.71 -14.44 -0.16
C SER A 206 1.44 -15.77 0.03
N SER A 207 1.38 -16.31 1.23
CA SER A 207 1.96 -17.61 1.51
C SER A 207 1.20 -18.76 0.85
N ASN A 208 -0.05 -18.52 0.48
CA ASN A 208 -0.86 -19.56 -0.15
C ASN A 208 -2.07 -19.06 -0.92
N ALA A 209 -3.01 -18.41 -0.24
CA ALA A 209 -4.24 -17.92 -0.85
C ALA A 209 -3.95 -17.00 -2.04
N SER A 210 -4.72 -17.16 -3.11
CA SER A 210 -4.58 -16.34 -4.31
C SER A 210 -5.65 -15.25 -4.39
N PHE A 211 -6.47 -15.15 -3.35
CA PHE A 211 -7.53 -14.15 -3.31
C PHE A 211 -7.94 -13.87 -1.88
N VAL A 212 -8.60 -12.74 -1.67
CA VAL A 212 -9.16 -12.40 -0.35
C VAL A 212 -10.69 -12.42 -0.40
N THR A 213 -11.29 -12.56 0.78
CA THR A 213 -12.75 -12.51 0.93
C THR A 213 -13.14 -11.54 2.03
N GLU A 214 -14.44 -11.30 2.16
CA GLU A 214 -14.98 -10.46 3.22
C GLU A 214 -14.57 -11.04 4.56
N GLY A 215 -14.10 -10.17 5.44
CA GLY A 215 -13.63 -10.57 6.76
C GLY A 215 -14.66 -10.44 7.87
N LYS A 216 -14.17 -10.15 9.07
CA LYS A 216 -14.96 -10.08 10.30
C LYS A 216 -15.92 -8.88 10.40
N ASN A 217 -15.81 -7.96 9.46
CA ASN A 217 -16.68 -6.79 9.40
C ASN A 217 -16.82 -6.38 7.93
N GLU A 218 -17.54 -5.30 7.67
CA GLU A 218 -17.83 -4.87 6.30
C GLU A 218 -16.63 -4.24 5.59
N TRP A 219 -15.53 -4.07 6.30
CA TRP A 219 -14.35 -3.44 5.72
C TRP A 219 -13.18 -4.38 5.48
N ALA A 220 -12.78 -5.12 6.52
CA ALA A 220 -11.57 -5.92 6.45
C ALA A 220 -11.63 -7.04 5.42
N PHE A 221 -10.53 -7.19 4.70
CA PHE A 221 -10.34 -8.29 3.76
C PHE A 221 -9.45 -9.31 4.42
N GLU A 222 -9.84 -10.59 4.36
CA GLU A 222 -9.07 -11.65 4.99
C GLU A 222 -8.95 -12.83 4.05
N THR A 223 -8.30 -13.89 4.51
CA THR A 223 -8.30 -15.17 3.81
C THR A 223 -8.80 -16.17 4.84
N SER A 224 -9.64 -17.10 4.41
CA SER A 224 -10.20 -18.09 5.33
C SER A 224 -9.16 -19.10 5.80
N ASP A 225 -8.12 -19.32 4.99
CA ASP A 225 -7.05 -20.24 5.37
C ASP A 225 -5.95 -19.52 6.17
N LYS A 226 -6.19 -18.26 6.51
CA LYS A 226 -5.26 -17.47 7.31
C LYS A 226 -3.85 -17.42 6.73
N SER A 227 -3.77 -17.27 5.42
CA SER A 227 -2.48 -17.12 4.77
C SER A 227 -1.81 -15.87 5.32
N PHE A 228 -0.49 -15.83 5.23
CA PHE A 228 0.25 -14.64 5.59
C PHE A 228 0.44 -13.85 4.31
N VAL A 229 -0.01 -12.60 4.32
CA VAL A 229 0.04 -11.76 3.15
C VAL A 229 0.71 -10.45 3.51
N ALA A 230 1.60 -9.99 2.64
CA ALA A 230 2.29 -8.72 2.84
C ALA A 230 2.02 -7.79 1.67
N GLN A 231 1.93 -6.51 1.98
CA GLN A 231 1.75 -5.47 0.99
C GLN A 231 2.81 -4.42 1.19
N ILE A 232 3.30 -3.90 0.07
CA ILE A 232 4.21 -2.75 0.09
C ILE A 232 3.62 -1.77 -0.93
N GLU A 233 3.27 -0.57 -0.48
CA GLU A 233 2.66 0.42 -1.37
C GLU A 233 3.38 1.77 -1.37
N HIS A 234 3.52 2.35 -2.56
CA HIS A 234 4.04 3.69 -2.71
C HIS A 234 3.26 4.41 -3.80
N THR A 235 3.28 5.74 -3.73
CA THR A 235 2.73 6.59 -4.77
C THR A 235 3.88 6.99 -5.67
N VAL A 236 3.72 6.73 -6.97
CA VAL A 236 4.78 6.86 -7.95
C VAL A 236 4.39 7.74 -9.11
N ILE A 237 5.28 8.67 -9.50
CA ILE A 237 5.05 9.52 -10.65
C ILE A 237 5.97 8.99 -11.74
N VAL A 238 5.40 8.70 -12.90
CA VAL A 238 6.16 8.21 -14.04
C VAL A 238 6.77 9.41 -14.75
N THR A 239 8.10 9.44 -14.84
CA THR A 239 8.77 10.52 -15.53
C THR A 239 9.85 9.98 -16.44
N LYS A 240 10.29 10.83 -17.37
CA LYS A 240 11.34 10.46 -18.30
C LYS A 240 12.65 10.09 -17.62
N ASP A 241 12.96 10.73 -16.50
CA ASP A 241 14.23 10.47 -15.80
C ASP A 241 14.12 9.35 -14.77
N GLY A 242 12.95 8.71 -14.70
CA GLY A 242 12.74 7.63 -13.74
C GLY A 242 11.59 7.94 -12.81
N PRO A 243 11.11 6.91 -12.11
CA PRO A 243 9.97 7.08 -11.20
C PRO A 243 10.29 7.94 -9.98
N ILE A 244 9.35 8.78 -9.59
CA ILE A 244 9.49 9.57 -8.37
C ILE A 244 8.52 8.97 -7.36
N LEU A 245 9.05 8.52 -6.23
CA LEU A 245 8.22 7.97 -5.17
C LEU A 245 7.94 9.11 -4.19
N THR A 246 6.71 9.61 -4.17
CA THR A 246 6.41 10.74 -3.30
C THR A 246 6.45 10.32 -1.84
N THR A 247 6.25 8.83 -1.64
CA THR A 247 6.05 8.35 -0.28
C THR A 247 7.29 7.64 0.24
N LYS A 248 8.43 7.88 -0.42
CA LYS A 248 9.70 7.35 0.07
C LYS A 248 10.54 8.52 0.54
N ILE A 249 11.03 8.41 1.77
CA ILE A 249 11.90 9.39 2.39
C ILE A 249 13.32 8.84 2.31
CO CO B . -3.73 2.20 -2.76
CO CO C . -3.21 2.25 0.45
C ACT D . -0.73 -16.76 -8.23
O ACT D . 0.29 -16.22 -7.74
OXT ACT D . -0.62 -17.28 -9.37
CH3 ACT D . -2.01 -16.78 -7.44
C ACT E . -12.13 18.37 1.66
O ACT E . -13.09 18.16 2.45
OXT ACT E . -12.35 18.09 0.46
CH3 ACT E . -10.82 18.92 2.14
C13 M1C F . -6.74 -3.32 -0.83
C12 M1C F . -6.23 -2.88 -2.19
C11 M1C F . -7.24 -2.02 -1.46
N3 M1C F . -5.35 2.90 0.78
C2 M1C F . -6.19 1.81 0.29
C1 M1C F . -5.69 1.46 -1.11
C9 M1C F . -6.42 0.29 -1.75
N10 M1C F . -6.59 -0.85 -0.87
O8 M1C F . -4.27 1.20 -1.07
O14 M1C F . -5.91 2.57 -1.97
C4 M1C F . -7.66 2.22 0.29
C5 M1C F . -8.21 2.43 1.69
C6 M1C F . -9.72 2.73 1.66
C7 M1C F . -10.33 2.70 3.05
#